data_2Z81
#
_entry.id   2Z81
#
_cell.length_a   83.303
_cell.length_b   81.549
_cell.length_c   98.961
_cell.angle_alpha   90.00
_cell.angle_beta   90.00
_cell.angle_gamma   90.00
#
_symmetry.space_group_name_H-M   'P 21 21 21'
#
loop_
_entity.id
_entity.type
_entity.pdbx_description
1 polymer 'Toll-like receptor 2, Variable lymphocyte receptor B'
2 branched beta-D-mannopyranose-(1-4)-2-acetamido-2-deoxy-beta-D-glucopyranose-(1-4)-2-acetamido-2-deoxy-beta-D-glucopyranose
3 branched alpha-D-mannopyranose-(1-4)-2-acetamido-2-deoxy-beta-D-glucopyranose-(1-4)-2-acetamido-2-deoxy-beta-D-glucopyranose
4 non-polymer 2-acetamido-2-deoxy-beta-D-glucopyranose
5 non-polymer '(2R)-3-{[(2S)-3-HYDROXY-2-(PALMITOYLAMINO)PROPYL]THIO}PROPANE-1,2-DIYL DIHEXADECANOATE'
6 water water
#
_entity_poly.entity_id   1
_entity_poly.type   'polypeptide(L)'
_entity_poly.pdbx_seq_one_letter_code
;SLSCDASGVCDGRSRSFTSIPSGLTAAMKSLDLSFNKITYIGHGDLRACANLQVLILKSSRINTIEGDAFYSLGSLEHLD
LSDNHLSSLSSSWFGPLSSLKYLNLMGNPYQTLGVTSLFPNLTNLQTLRIGNVETFSEIRRIDFAGLTSLNELEIKALSL
RNYQSQSLKSIRDIHHLTLHLSESAFLLEIFADILSSVRYLELRDTNLARFQFSPLPVDEVSSPMKKLAFRGSVLTDESF
NELLKLLRYILELSEVEFDDCTLNGLGDFNPSESDVVSELGKVETVTIRRLHIPQFYLFYDLSTVYSLLEKVKRITVENS
KVFLVPCSFSQHLKSLEFLDLSENLMVEEYLKNSACKGAWPSLQTLVLSQNHLRSMQKTGEILLTLKNLTSLDISRNTFH
PMPDSCQWPEKMRFLNLSSTGIRVVKTCIPQTLEVLDVSNNNLDSFSLFLPRLQELYISRNKLKTLPDASLFPVLLVMKI
SRNQLKSVPDGIFDRLTSLQKIWLHTNPWDCSCPRIDYLSRWLNKNSQKEQGSAKCSGSGKPVRSIICP
;
_entity_poly.pdbx_strand_id   A
#
# COMPACT_ATOMS: atom_id res chain seq x y z
N SER A 1 -28.46 20.39 -18.69
CA SER A 1 -27.56 21.15 -17.78
C SER A 1 -26.15 20.56 -17.76
N LEU A 2 -25.96 19.45 -18.45
CA LEU A 2 -24.65 18.81 -18.49
C LEU A 2 -23.68 19.58 -19.37
N SER A 3 -22.39 19.50 -19.04
CA SER A 3 -21.37 20.20 -19.80
C SER A 3 -20.29 19.22 -20.26
N CYS A 4 -19.93 19.30 -21.53
CA CYS A 4 -18.91 18.42 -22.10
C CYS A 4 -17.68 19.23 -22.53
N ASP A 5 -16.51 18.60 -22.47
CA ASP A 5 -15.32 19.29 -22.92
C ASP A 5 -15.13 18.95 -24.39
N ALA A 6 -13.98 19.33 -24.96
CA ALA A 6 -13.73 19.08 -26.37
C ALA A 6 -13.48 17.63 -26.73
N SER A 7 -13.25 16.79 -25.72
CA SER A 7 -13.00 15.38 -25.97
C SER A 7 -14.20 14.46 -25.73
N GLY A 8 -15.38 15.06 -25.61
CA GLY A 8 -16.58 14.26 -25.41
C GLY A 8 -16.77 13.75 -23.99
N VAL A 9 -16.05 14.31 -23.03
CA VAL A 9 -16.19 13.93 -21.63
C VAL A 9 -17.22 14.87 -21.04
N CYS A 10 -18.39 14.33 -20.68
CA CYS A 10 -19.48 15.14 -20.15
C CYS A 10 -19.77 14.94 -18.67
N ASP A 11 -19.99 16.06 -17.98
CA ASP A 11 -20.28 16.05 -16.56
C ASP A 11 -21.75 16.40 -16.27
N GLY A 12 -22.46 15.46 -15.67
CA GLY A 12 -23.86 15.66 -15.31
C GLY A 12 -24.05 15.17 -13.89
N ARG A 13 -22.97 15.31 -13.12
CA ARG A 13 -22.93 14.86 -11.73
C ARG A 13 -23.58 15.81 -10.73
N SER A 14 -24.07 15.23 -9.63
CA SER A 14 -24.69 16.00 -8.56
C SER A 14 -25.68 17.07 -8.99
N ARG A 15 -26.46 16.76 -10.02
CA ARG A 15 -27.49 17.66 -10.48
C ARG A 15 -28.68 17.09 -9.73
N SER A 16 -29.88 17.47 -10.12
CA SER A 16 -31.05 16.91 -9.46
C SER A 16 -31.85 16.15 -10.50
N PHE A 17 -31.13 15.55 -11.45
CA PHE A 17 -31.75 14.78 -12.52
C PHE A 17 -32.62 13.68 -11.95
N THR A 18 -33.84 13.55 -12.49
CA THR A 18 -34.78 12.53 -12.04
C THR A 18 -34.91 11.51 -13.16
N SER A 19 -34.20 11.77 -14.25
CA SER A 19 -34.19 10.88 -15.40
C SER A 19 -32.96 11.20 -16.24
N ILE A 20 -32.58 10.26 -17.11
CA ILE A 20 -31.43 10.48 -17.97
C ILE A 20 -31.75 11.70 -18.83
N PRO A 21 -30.85 12.69 -18.88
CA PRO A 21 -31.15 13.87 -19.69
C PRO A 21 -31.40 13.53 -21.16
N SER A 22 -32.29 14.27 -21.80
CA SER A 22 -32.60 14.03 -23.20
C SER A 22 -31.56 14.71 -24.09
N GLY A 23 -31.60 14.41 -25.38
CA GLY A 23 -30.67 15.00 -26.32
C GLY A 23 -29.22 14.59 -26.21
N LEU A 24 -28.96 13.33 -25.87
CA LEU A 24 -27.59 12.84 -25.78
C LEU A 24 -27.12 12.62 -27.21
N THR A 25 -25.82 12.61 -27.44
CA THR A 25 -25.30 12.46 -28.80
C THR A 25 -24.24 11.39 -29.02
N ALA A 26 -23.93 11.15 -30.28
CA ALA A 26 -22.93 10.16 -30.65
C ALA A 26 -21.51 10.70 -30.47
N ALA A 27 -21.41 11.97 -30.08
CA ALA A 27 -20.10 12.59 -29.87
C ALA A 27 -19.64 12.41 -28.43
N MET A 28 -20.54 11.93 -27.58
CA MET A 28 -20.22 11.73 -26.18
C MET A 28 -19.39 10.47 -25.97
N LYS A 29 -18.27 10.63 -25.28
CA LYS A 29 -17.35 9.53 -24.99
C LYS A 29 -17.44 9.10 -23.53
N SER A 30 -17.72 10.04 -22.65
CA SER A 30 -17.83 9.72 -21.22
C SER A 30 -18.98 10.49 -20.61
N LEU A 31 -19.80 9.79 -19.83
CA LEU A 31 -20.95 10.43 -19.21
C LEU A 31 -20.98 10.13 -17.72
N ASP A 32 -20.91 11.18 -16.91
CA ASP A 32 -20.95 11.03 -15.47
C ASP A 32 -22.28 11.58 -14.97
N LEU A 33 -23.19 10.67 -14.60
CA LEU A 33 -24.49 11.03 -14.09
C LEU A 33 -24.66 10.52 -12.66
N SER A 34 -23.55 10.47 -11.94
CA SER A 34 -23.54 10.02 -10.55
C SER A 34 -24.19 11.02 -9.60
N PHE A 35 -24.59 10.51 -8.45
CA PHE A 35 -25.21 11.30 -7.39
C PHE A 35 -26.42 12.12 -7.80
N ASN A 36 -27.28 11.52 -8.61
CA ASN A 36 -28.50 12.17 -9.04
C ASN A 36 -29.66 11.40 -8.42
N LYS A 37 -30.85 11.49 -8.99
CA LYS A 37 -32.00 10.78 -8.45
C LYS A 37 -32.77 10.13 -9.59
N ILE A 38 -32.03 9.43 -10.44
CA ILE A 38 -32.60 8.77 -11.60
C ILE A 38 -33.11 7.38 -11.22
N THR A 39 -34.39 7.34 -10.86
CA THR A 39 -35.04 6.12 -10.43
C THR A 39 -35.21 5.06 -11.51
N TYR A 40 -35.51 5.51 -12.73
CA TYR A 40 -35.76 4.60 -13.85
C TYR A 40 -34.98 4.95 -15.11
N ILE A 41 -34.51 3.92 -15.81
CA ILE A 41 -33.80 4.11 -17.08
C ILE A 41 -34.62 3.34 -18.09
N GLY A 42 -35.16 4.03 -19.08
CA GLY A 42 -36.01 3.40 -20.09
C GLY A 42 -35.36 2.81 -21.31
N HIS A 43 -36.18 2.33 -22.23
CA HIS A 43 -35.69 1.70 -23.45
C HIS A 43 -34.84 2.61 -24.33
N GLY A 44 -35.22 3.88 -24.47
CA GLY A 44 -34.46 4.76 -25.34
C GLY A 44 -33.61 5.87 -24.76
N ASP A 45 -33.50 5.93 -23.43
CA ASP A 45 -32.71 6.98 -22.80
C ASP A 45 -31.24 7.06 -23.22
N LEU A 46 -30.64 5.90 -23.49
CA LEU A 46 -29.22 5.85 -23.86
C LEU A 46 -28.98 5.33 -25.28
N ARG A 47 -30.00 5.39 -26.12
CA ARG A 47 -29.85 4.87 -27.48
C ARG A 47 -29.03 5.77 -28.41
N ALA A 48 -29.04 7.07 -28.15
CA ALA A 48 -28.32 8.03 -28.98
C ALA A 48 -26.80 8.07 -28.81
N CYS A 49 -26.31 7.77 -27.60
CA CYS A 49 -24.87 7.80 -27.38
C CYS A 49 -24.21 6.46 -27.68
N ALA A 50 -24.16 6.13 -28.97
CA ALA A 50 -23.60 4.86 -29.44
C ALA A 50 -22.08 4.73 -29.30
N ASN A 51 -21.38 5.85 -29.19
CA ASN A 51 -19.93 5.81 -29.07
C ASN A 51 -19.42 6.00 -27.64
N LEU A 52 -20.34 5.95 -26.68
CA LEU A 52 -19.97 6.14 -25.28
C LEU A 52 -18.97 5.07 -24.82
N GLN A 53 -17.91 5.50 -24.14
CA GLN A 53 -16.91 4.56 -23.64
C GLN A 53 -16.96 4.43 -22.13
N VAL A 54 -17.42 5.49 -21.46
CA VAL A 54 -17.51 5.51 -20.01
C VAL A 54 -18.88 5.99 -19.53
N LEU A 55 -19.49 5.22 -18.63
CA LEU A 55 -20.79 5.58 -18.09
C LEU A 55 -20.75 5.38 -16.58
N ILE A 56 -20.76 6.49 -15.84
CA ILE A 56 -20.72 6.45 -14.39
C ILE A 56 -22.10 6.82 -13.87
N LEU A 57 -22.73 5.91 -13.14
CA LEU A 57 -24.06 6.13 -12.60
C LEU A 57 -24.13 5.83 -11.12
N LYS A 58 -23.01 5.98 -10.43
CA LYS A 58 -22.91 5.70 -9.01
C LYS A 58 -23.81 6.55 -8.12
N SER A 59 -24.37 5.93 -7.09
CA SER A 59 -25.20 6.63 -6.13
C SER A 59 -26.29 7.52 -6.68
N SER A 60 -26.96 7.04 -7.71
CA SER A 60 -28.08 7.78 -8.23
C SER A 60 -29.12 6.87 -7.61
N ARG A 61 -30.40 7.11 -7.78
CA ARG A 61 -31.29 6.20 -7.07
C ARG A 61 -31.97 5.20 -7.98
N ILE A 62 -31.17 4.62 -8.88
CA ILE A 62 -31.68 3.68 -9.85
C ILE A 62 -32.20 2.39 -9.25
N ASN A 63 -33.48 2.11 -9.50
CA ASN A 63 -34.07 0.88 -9.00
C ASN A 63 -34.65 0.06 -10.14
N THR A 64 -34.78 0.68 -11.31
CA THR A 64 -35.31 -0.02 -12.47
C THR A 64 -34.59 0.36 -13.76
N ILE A 65 -34.18 -0.66 -14.52
CA ILE A 65 -33.49 -0.46 -15.79
C ILE A 65 -34.10 -1.44 -16.79
N GLU A 66 -34.69 -0.93 -17.87
CA GLU A 66 -35.28 -1.81 -18.87
C GLU A 66 -34.20 -2.74 -19.42
N GLY A 67 -34.59 -3.97 -19.71
CA GLY A 67 -33.66 -4.96 -20.25
C GLY A 67 -32.78 -4.56 -21.42
N ASP A 68 -33.31 -3.75 -22.34
CA ASP A 68 -32.53 -3.34 -23.52
C ASP A 68 -32.01 -1.90 -23.42
N ALA A 69 -31.95 -1.36 -22.22
CA ALA A 69 -31.47 0.00 -22.02
C ALA A 69 -30.07 0.28 -22.56
N PHE A 70 -29.22 -0.75 -22.59
CA PHE A 70 -27.84 -0.56 -23.07
C PHE A 70 -27.57 -1.16 -24.45
N TYR A 71 -28.62 -1.40 -25.22
CA TYR A 71 -28.49 -2.01 -26.54
C TYR A 71 -27.49 -1.38 -27.52
N SER A 72 -27.35 -0.06 -27.50
CA SER A 72 -26.43 0.59 -28.43
C SER A 72 -25.06 0.95 -27.85
N LEU A 73 -24.77 0.50 -26.65
CA LEU A 73 -23.48 0.82 -26.02
C LEU A 73 -22.43 -0.24 -26.30
N GLY A 74 -22.32 -0.64 -27.57
CA GLY A 74 -21.35 -1.66 -27.95
C GLY A 74 -19.89 -1.25 -27.80
N SER A 75 -19.64 0.02 -27.56
CA SER A 75 -18.26 0.51 -27.39
C SER A 75 -17.96 0.83 -25.93
N LEU A 76 -18.94 0.66 -25.06
CA LEU A 76 -18.74 0.96 -23.64
C LEU A 76 -17.63 0.11 -23.02
N GLU A 77 -16.74 0.74 -22.27
CA GLU A 77 -15.65 0.02 -21.62
C GLU A 77 -15.74 0.06 -20.10
N HIS A 78 -16.42 1.07 -19.56
CA HIS A 78 -16.53 1.25 -18.10
C HIS A 78 -17.96 1.54 -17.69
N LEU A 79 -18.52 0.68 -16.85
CA LEU A 79 -19.89 0.85 -16.36
C LEU A 79 -19.90 0.75 -14.85
N ASP A 80 -20.26 1.85 -14.19
CA ASP A 80 -20.30 1.87 -12.73
C ASP A 80 -21.74 2.11 -12.31
N LEU A 81 -22.36 1.06 -11.75
CA LEU A 81 -23.74 1.11 -11.27
C LEU A 81 -23.72 0.87 -9.77
N SER A 82 -22.57 1.06 -9.15
CA SER A 82 -22.44 0.83 -7.71
C SER A 82 -23.29 1.76 -6.86
N ASP A 83 -23.66 1.26 -5.69
CA ASP A 83 -24.44 2.02 -4.72
C ASP A 83 -25.79 2.58 -5.18
N ASN A 84 -26.52 1.79 -5.94
CA ASN A 84 -27.83 2.21 -6.38
C ASN A 84 -28.85 1.38 -5.63
N HIS A 85 -30.06 1.28 -6.16
CA HIS A 85 -31.11 0.50 -5.49
C HIS A 85 -31.57 -0.69 -6.32
N LEU A 86 -30.65 -1.32 -7.05
CA LEU A 86 -30.99 -2.47 -7.87
C LEU A 86 -31.10 -3.72 -7.00
N SER A 87 -32.31 -4.24 -6.85
CA SER A 87 -32.50 -5.44 -6.03
C SER A 87 -32.56 -6.70 -6.89
N SER A 88 -32.53 -6.50 -8.19
CA SER A 88 -32.56 -7.61 -9.15
C SER A 88 -31.68 -7.24 -10.34
N LEU A 89 -30.91 -8.19 -10.85
CA LEU A 89 -30.03 -7.93 -11.99
C LEU A 89 -30.56 -8.68 -13.21
N SER A 90 -30.43 -8.07 -14.38
CA SER A 90 -30.91 -8.68 -15.62
C SER A 90 -29.76 -8.98 -16.59
N SER A 91 -29.71 -10.22 -17.07
CA SER A 91 -28.66 -10.61 -18.02
C SER A 91 -28.78 -9.81 -19.32
N SER A 92 -29.98 -9.29 -19.60
CA SER A 92 -30.22 -8.51 -20.81
C SER A 92 -29.39 -7.23 -20.87
N TRP A 93 -29.11 -6.65 -19.71
CA TRP A 93 -28.33 -5.41 -19.68
C TRP A 93 -26.94 -5.55 -20.25
N PHE A 94 -26.31 -6.67 -19.95
CA PHE A 94 -24.93 -6.90 -20.37
C PHE A 94 -24.71 -7.59 -21.71
N GLY A 95 -25.75 -8.23 -22.24
CA GLY A 95 -25.62 -8.90 -23.52
C GLY A 95 -24.96 -8.09 -24.62
N PRO A 96 -25.30 -6.81 -24.78
CA PRO A 96 -24.67 -6.02 -25.85
C PRO A 96 -23.37 -5.29 -25.51
N LEU A 97 -22.85 -5.47 -24.30
CA LEU A 97 -21.62 -4.77 -23.92
C LEU A 97 -20.35 -5.57 -24.21
N SER A 98 -20.09 -5.83 -25.49
CA SER A 98 -18.92 -6.60 -25.89
C SER A 98 -17.57 -5.95 -25.59
N SER A 99 -17.54 -4.63 -25.50
CA SER A 99 -16.28 -3.93 -25.23
C SER A 99 -16.03 -3.65 -23.75
N LEU A 100 -16.96 -4.06 -22.89
CA LEU A 100 -16.82 -3.77 -21.47
C LEU A 100 -15.57 -4.35 -20.82
N LYS A 101 -14.83 -3.50 -20.10
CA LYS A 101 -13.62 -3.90 -19.39
C LYS A 101 -13.77 -3.79 -17.88
N TYR A 102 -14.59 -2.84 -17.44
CA TYR A 102 -14.81 -2.59 -16.00
C TYR A 102 -16.31 -2.56 -15.69
N LEU A 103 -16.73 -3.32 -14.69
CA LEU A 103 -18.13 -3.38 -14.28
C LEU A 103 -18.24 -3.40 -12.76
N ASN A 104 -18.89 -2.40 -12.19
CA ASN A 104 -19.06 -2.32 -10.75
C ASN A 104 -20.55 -2.38 -10.42
N LEU A 105 -20.95 -3.45 -9.74
CA LEU A 105 -22.35 -3.66 -9.35
C LEU A 105 -22.49 -3.72 -7.84
N MET A 106 -21.40 -3.41 -7.15
CA MET A 106 -21.36 -3.47 -5.69
C MET A 106 -22.22 -2.40 -5.01
N GLY A 107 -22.73 -2.71 -3.82
CA GLY A 107 -23.52 -1.73 -3.11
C GLY A 107 -24.99 -1.66 -3.48
N ASN A 108 -25.47 -2.62 -4.27
CA ASN A 108 -26.88 -2.67 -4.63
C ASN A 108 -27.47 -3.80 -3.79
N PRO A 109 -28.72 -3.63 -3.33
CA PRO A 109 -29.40 -4.62 -2.49
C PRO A 109 -29.91 -5.95 -3.06
N TYR A 110 -29.23 -6.55 -4.03
CA TYR A 110 -29.69 -7.84 -4.55
C TYR A 110 -29.20 -8.96 -3.64
N GLN A 111 -29.93 -10.07 -3.58
CA GLN A 111 -29.56 -11.21 -2.74
C GLN A 111 -28.67 -12.20 -3.47
N THR A 112 -28.80 -12.21 -4.81
CA THR A 112 -28.00 -13.07 -5.67
C THR A 112 -27.88 -12.36 -7.01
N LEU A 113 -27.07 -12.93 -7.89
CA LEU A 113 -26.88 -12.34 -9.21
C LEU A 113 -28.04 -12.73 -10.13
N GLY A 114 -28.95 -13.54 -9.63
CA GLY A 114 -30.09 -13.95 -10.45
C GLY A 114 -29.99 -15.37 -10.96
N VAL A 115 -31.04 -15.82 -11.66
CA VAL A 115 -31.09 -17.19 -12.18
C VAL A 115 -30.42 -17.38 -13.54
N THR A 116 -29.96 -16.30 -14.16
CA THR A 116 -29.31 -16.39 -15.45
C THR A 116 -27.92 -15.79 -15.42
N SER A 117 -26.95 -16.49 -15.99
CA SER A 117 -25.57 -16.00 -16.04
C SER A 117 -25.56 -14.59 -16.63
N LEU A 118 -24.96 -13.65 -15.90
CA LEU A 118 -24.92 -12.27 -16.34
C LEU A 118 -23.76 -11.85 -17.26
N PHE A 119 -22.63 -12.56 -17.16
CA PHE A 119 -21.45 -12.15 -17.89
C PHE A 119 -20.87 -12.95 -19.06
N PRO A 120 -21.57 -13.97 -19.57
CA PRO A 120 -20.98 -14.71 -20.68
C PRO A 120 -20.62 -13.92 -21.94
N ASN A 121 -21.29 -12.79 -22.16
CA ASN A 121 -21.03 -11.99 -23.34
C ASN A 121 -19.89 -10.98 -23.14
N LEU A 122 -19.46 -10.80 -21.89
CA LEU A 122 -18.40 -9.85 -21.57
C LEU A 122 -17.00 -10.44 -21.74
N THR A 123 -16.67 -10.81 -22.97
CA THR A 123 -15.39 -11.43 -23.30
C THR A 123 -14.14 -10.59 -23.02
N ASN A 124 -14.29 -9.28 -22.90
CA ASN A 124 -13.15 -8.40 -22.64
C ASN A 124 -13.08 -7.87 -21.21
N LEU A 125 -13.98 -8.35 -20.34
CA LEU A 125 -14.00 -7.88 -18.96
C LEU A 125 -12.67 -8.10 -18.22
N GLN A 126 -12.23 -7.09 -17.50
CA GLN A 126 -10.98 -7.16 -16.75
C GLN A 126 -11.23 -7.00 -15.24
N THR A 127 -12.22 -6.20 -14.89
CA THR A 127 -12.55 -5.92 -13.47
C THR A 127 -14.04 -6.07 -13.19
N LEU A 128 -14.37 -6.86 -12.16
CA LEU A 128 -15.76 -7.05 -11.78
C LEU A 128 -15.89 -6.94 -10.27
N ARG A 129 -16.82 -6.10 -9.82
CA ARG A 129 -17.06 -5.93 -8.38
C ARG A 129 -18.55 -6.17 -8.14
N ILE A 130 -18.88 -7.07 -7.21
CA ILE A 130 -20.27 -7.41 -6.90
C ILE A 130 -20.49 -7.61 -5.41
N GLY A 131 -21.76 -7.63 -5.01
CA GLY A 131 -22.09 -7.84 -3.62
C GLY A 131 -22.44 -6.62 -2.82
N ASN A 132 -22.62 -6.82 -1.51
CA ASN A 132 -22.97 -5.75 -0.59
C ASN A 132 -22.80 -6.29 0.82
N VAL A 133 -23.00 -5.42 1.81
CA VAL A 133 -22.82 -5.81 3.20
C VAL A 133 -23.94 -6.64 3.86
N GLU A 134 -25.19 -6.23 3.63
CA GLU A 134 -26.32 -6.87 4.30
C GLU A 134 -27.23 -7.89 3.61
N THR A 135 -27.25 -7.93 2.29
CA THR A 135 -28.19 -8.85 1.63
C THR A 135 -27.68 -9.91 0.67
N PHE A 136 -26.55 -9.69 0.02
CA PHE A 136 -26.03 -10.69 -0.90
C PHE A 136 -25.77 -11.95 -0.08
N SER A 137 -26.57 -12.98 -0.31
CA SER A 137 -26.45 -14.19 0.50
C SER A 137 -26.14 -15.52 -0.18
N GLU A 138 -26.05 -15.53 -1.51
CA GLU A 138 -25.75 -16.79 -2.19
C GLU A 138 -24.96 -16.61 -3.47
N ILE A 139 -23.98 -17.49 -3.67
CA ILE A 139 -23.14 -17.50 -4.86
C ILE A 139 -23.41 -18.85 -5.50
N ARG A 140 -23.77 -18.82 -6.78
CA ARG A 140 -24.11 -20.04 -7.50
C ARG A 140 -23.18 -20.41 -8.64
N ARG A 141 -23.22 -21.68 -9.02
CA ARG A 141 -22.37 -22.19 -10.09
C ARG A 141 -22.55 -21.49 -11.42
N ILE A 142 -23.74 -20.96 -11.68
CA ILE A 142 -23.98 -20.27 -12.94
C ILE A 142 -23.47 -18.83 -12.95
N ASP A 143 -23.21 -18.29 -11.77
CA ASP A 143 -22.76 -16.90 -11.62
C ASP A 143 -21.62 -16.41 -12.50
N PHE A 144 -20.56 -17.19 -12.63
CA PHE A 144 -19.42 -16.72 -13.42
C PHE A 144 -19.17 -17.43 -14.74
N ALA A 145 -20.19 -18.12 -15.25
CA ALA A 145 -20.07 -18.81 -16.53
C ALA A 145 -19.71 -17.83 -17.63
N GLY A 146 -18.79 -18.23 -18.50
CA GLY A 146 -18.40 -17.36 -19.60
C GLY A 146 -17.17 -16.52 -19.34
N LEU A 147 -16.84 -16.29 -18.07
CA LEU A 147 -15.65 -15.50 -17.73
C LEU A 147 -14.42 -16.39 -17.74
N THR A 148 -13.39 -15.98 -18.47
CA THR A 148 -12.17 -16.76 -18.58
C THR A 148 -11.01 -16.17 -17.78
N SER A 149 -10.75 -14.88 -17.96
CA SER A 149 -9.67 -14.21 -17.24
C SER A 149 -10.11 -12.85 -16.72
N LEU A 150 -9.70 -12.54 -15.49
CA LEU A 150 -10.01 -11.26 -14.87
C LEU A 150 -8.76 -10.73 -14.18
N ASN A 151 -8.59 -9.42 -14.21
CA ASN A 151 -7.44 -8.83 -13.53
C ASN A 151 -7.87 -8.66 -12.08
N GLU A 152 -9.13 -8.26 -11.88
CA GLU A 152 -9.63 -8.07 -10.53
C GLU A 152 -11.08 -8.53 -10.37
N LEU A 153 -11.32 -9.32 -9.33
CA LEU A 153 -12.66 -9.79 -9.02
C LEU A 153 -12.85 -9.54 -7.53
N GLU A 154 -13.82 -8.69 -7.19
CA GLU A 154 -14.10 -8.37 -5.80
C GLU A 154 -15.52 -8.83 -5.48
N ILE A 155 -15.66 -9.62 -4.43
CA ILE A 155 -16.96 -10.12 -4.03
C ILE A 155 -17.21 -9.76 -2.57
N LYS A 156 -18.19 -8.89 -2.34
CA LYS A 156 -18.52 -8.50 -0.98
C LYS A 156 -19.68 -9.41 -0.55
N ALA A 157 -19.37 -10.32 0.37
CA ALA A 157 -20.36 -11.29 0.82
C ALA A 157 -20.33 -11.51 2.33
N LEU A 158 -20.43 -10.42 3.08
CA LEU A 158 -20.41 -10.47 4.54
C LEU A 158 -21.63 -11.18 5.11
N SER A 159 -22.70 -11.25 4.34
CA SER A 159 -23.93 -11.90 4.80
C SER A 159 -24.21 -13.21 4.06
N LEU A 160 -23.18 -13.77 3.44
CA LEU A 160 -23.30 -15.02 2.69
C LEU A 160 -23.92 -16.15 3.51
N ARG A 161 -24.91 -16.83 2.92
CA ARG A 161 -25.59 -17.95 3.56
C ARG A 161 -25.19 -19.26 2.89
N ASN A 162 -24.82 -19.18 1.61
CA ASN A 162 -24.43 -20.37 0.87
C ASN A 162 -23.56 -20.10 -0.35
N TYR A 163 -22.54 -20.93 -0.50
CA TYR A 163 -21.63 -20.87 -1.63
C TYR A 163 -21.75 -22.24 -2.29
N GLN A 164 -22.21 -22.28 -3.54
CA GLN A 164 -22.31 -23.57 -4.22
C GLN A 164 -20.92 -23.99 -4.65
N SER A 165 -20.53 -25.20 -4.28
CA SER A 165 -19.20 -25.68 -4.62
C SER A 165 -18.96 -25.65 -6.12
N GLN A 166 -17.75 -25.20 -6.49
CA GLN A 166 -17.31 -25.08 -7.87
C GLN A 166 -17.74 -23.81 -8.60
N SER A 167 -18.42 -22.90 -7.92
CA SER A 167 -18.87 -21.66 -8.54
C SER A 167 -17.71 -20.86 -9.14
N LEU A 168 -16.63 -20.72 -8.38
CA LEU A 168 -15.45 -19.97 -8.80
C LEU A 168 -14.48 -20.76 -9.68
N LYS A 169 -14.66 -22.08 -9.75
CA LYS A 169 -13.77 -22.94 -10.51
C LYS A 169 -13.73 -22.74 -12.03
N SER A 170 -14.81 -22.26 -12.62
CA SER A 170 -14.86 -22.05 -14.06
C SER A 170 -13.95 -20.94 -14.58
N ILE A 171 -13.55 -20.02 -13.71
CA ILE A 171 -12.67 -18.92 -14.14
C ILE A 171 -11.23 -19.44 -14.23
N ARG A 172 -10.64 -19.25 -15.41
CA ARG A 172 -9.28 -19.71 -15.68
C ARG A 172 -8.18 -18.95 -14.95
N ASP A 173 -8.24 -17.62 -14.98
CA ASP A 173 -7.23 -16.80 -14.31
C ASP A 173 -7.84 -15.58 -13.61
N ILE A 174 -7.32 -15.29 -12.42
CA ILE A 174 -7.77 -14.13 -11.65
C ILE A 174 -6.54 -13.56 -10.99
N HIS A 175 -6.12 -12.38 -11.41
CA HIS A 175 -4.93 -11.78 -10.86
C HIS A 175 -5.07 -11.34 -9.41
N HIS A 176 -6.25 -10.83 -9.06
CA HIS A 176 -6.47 -10.36 -7.71
C HIS A 176 -7.92 -10.61 -7.31
N LEU A 177 -8.12 -11.53 -6.37
CA LEU A 177 -9.46 -11.84 -5.89
C LEU A 177 -9.59 -11.25 -4.50
N THR A 178 -10.60 -10.41 -4.31
CA THR A 178 -10.85 -9.81 -3.01
C THR A 178 -12.18 -10.34 -2.52
N LEU A 179 -12.18 -11.03 -1.39
CA LEU A 179 -13.39 -11.60 -0.82
C LEU A 179 -13.69 -11.01 0.55
N HIS A 180 -14.88 -10.45 0.71
CA HIS A 180 -15.30 -9.91 1.99
C HIS A 180 -16.19 -11.01 2.56
N LEU A 181 -15.67 -11.74 3.54
CA LEU A 181 -16.39 -12.83 4.19
C LEU A 181 -16.32 -12.59 5.69
N SER A 182 -17.45 -12.75 6.38
CA SER A 182 -17.47 -12.53 7.82
C SER A 182 -17.17 -13.79 8.63
N GLU A 183 -17.42 -14.94 8.01
CA GLU A 183 -17.23 -16.24 8.67
C GLU A 183 -16.37 -17.15 7.81
N SER A 184 -15.79 -18.19 8.42
CA SER A 184 -14.92 -19.11 7.69
C SER A 184 -15.63 -20.34 7.15
N ALA A 185 -16.94 -20.44 7.37
CA ALA A 185 -17.73 -21.59 6.93
C ALA A 185 -17.49 -22.11 5.51
N PHE A 186 -17.36 -21.21 4.54
CA PHE A 186 -17.14 -21.65 3.16
C PHE A 186 -15.72 -21.49 2.64
N LEU A 187 -14.78 -21.14 3.52
CA LEU A 187 -13.41 -20.95 3.09
C LEU A 187 -12.76 -22.18 2.43
N LEU A 188 -12.95 -23.38 2.99
CA LEU A 188 -12.36 -24.58 2.38
C LEU A 188 -12.94 -24.82 0.97
N GLU A 189 -14.23 -24.62 0.81
CA GLU A 189 -14.89 -24.81 -0.47
C GLU A 189 -14.43 -23.78 -1.50
N ILE A 190 -14.34 -22.53 -1.07
CA ILE A 190 -13.91 -21.45 -1.96
C ILE A 190 -12.44 -21.65 -2.31
N PHE A 191 -11.60 -21.88 -1.29
CA PHE A 191 -10.18 -22.07 -1.52
C PHE A 191 -9.93 -23.17 -2.57
N ALA A 192 -10.64 -24.28 -2.43
CA ALA A 192 -10.51 -25.40 -3.35
C ALA A 192 -10.83 -25.05 -4.81
N ASP A 193 -11.74 -24.10 -5.00
CA ASP A 193 -12.15 -23.70 -6.35
C ASP A 193 -11.26 -22.64 -7.00
N ILE A 194 -10.29 -22.11 -6.28
CA ILE A 194 -9.43 -21.08 -6.86
C ILE A 194 -7.96 -21.48 -6.96
N LEU A 195 -7.66 -22.74 -6.67
CA LEU A 195 -6.28 -23.21 -6.70
C LEU A 195 -5.54 -23.10 -8.02
N SER A 196 -6.25 -23.15 -9.14
CA SER A 196 -5.59 -23.05 -10.44
C SER A 196 -5.61 -21.66 -11.06
N SER A 197 -6.41 -20.77 -10.49
CA SER A 197 -6.58 -19.44 -11.09
C SER A 197 -6.05 -18.19 -10.39
N VAL A 198 -6.28 -18.10 -9.08
CA VAL A 198 -5.89 -16.91 -8.32
C VAL A 198 -4.42 -16.69 -7.99
N ARG A 199 -3.90 -15.53 -8.39
CA ARG A 199 -2.51 -15.17 -8.15
C ARG A 199 -2.34 -14.38 -6.84
N TYR A 200 -3.38 -13.68 -6.43
CA TYR A 200 -3.34 -12.88 -5.20
C TYR A 200 -4.73 -12.94 -4.57
N LEU A 201 -4.81 -13.56 -3.40
CA LEU A 201 -6.07 -13.67 -2.67
C LEU A 201 -6.04 -12.73 -1.48
N GLU A 202 -7.09 -11.92 -1.36
CA GLU A 202 -7.20 -10.98 -0.27
C GLU A 202 -8.53 -11.27 0.44
N LEU A 203 -8.46 -11.61 1.71
CA LEU A 203 -9.66 -11.92 2.51
C LEU A 203 -9.89 -10.81 3.52
N ARG A 204 -11.06 -10.18 3.45
CA ARG A 204 -11.37 -9.07 4.36
C ARG A 204 -12.44 -9.37 5.40
N ASP A 205 -12.19 -8.89 6.62
CA ASP A 205 -13.09 -8.99 7.77
C ASP A 205 -13.55 -10.35 8.22
N THR A 206 -12.77 -11.39 7.94
CA THR A 206 -13.18 -12.74 8.29
C THR A 206 -12.84 -13.22 9.69
N ASN A 207 -13.86 -13.71 10.39
CA ASN A 207 -13.62 -14.25 11.72
C ASN A 207 -13.20 -15.69 11.44
N LEU A 208 -11.92 -15.97 11.63
CA LEU A 208 -11.36 -17.30 11.38
C LEU A 208 -11.08 -18.08 12.65
N ALA A 209 -11.70 -17.69 13.75
CA ALA A 209 -11.49 -18.37 15.02
C ALA A 209 -11.93 -19.84 14.97
N ARG A 210 -12.96 -20.13 14.18
CA ARG A 210 -13.51 -21.48 14.06
C ARG A 210 -12.98 -22.26 12.88
N PHE A 211 -12.05 -21.68 12.12
CA PHE A 211 -11.51 -22.38 10.96
C PHE A 211 -10.76 -23.64 11.32
N GLN A 212 -11.02 -24.71 10.58
CA GLN A 212 -10.33 -25.97 10.78
C GLN A 212 -10.02 -26.57 9.41
N PHE A 213 -8.78 -27.03 9.26
CA PHE A 213 -8.33 -27.61 8.00
C PHE A 213 -8.72 -29.07 7.84
N SER A 214 -8.83 -29.48 6.58
CA SER A 214 -9.14 -30.85 6.19
C SER A 214 -8.64 -30.93 4.75
N PRO A 215 -8.00 -32.04 4.36
CA PRO A 215 -7.52 -32.11 2.98
C PRO A 215 -8.65 -31.78 2.02
N LEU A 216 -8.30 -31.08 0.93
CA LEU A 216 -9.29 -30.66 -0.06
C LEU A 216 -9.59 -31.75 -1.08
N PRO A 217 -10.87 -31.91 -1.44
CA PRO A 217 -11.33 -32.91 -2.42
C PRO A 217 -11.14 -32.37 -3.83
N VAL A 218 -9.88 -32.19 -4.23
CA VAL A 218 -9.55 -31.67 -5.54
C VAL A 218 -8.31 -32.35 -6.06
N ASP A 219 -8.18 -32.43 -7.38
CA ASP A 219 -7.01 -33.07 -7.97
C ASP A 219 -5.79 -32.19 -7.72
N GLU A 220 -4.61 -32.79 -7.71
CA GLU A 220 -3.38 -32.05 -7.48
C GLU A 220 -3.12 -31.14 -8.67
N VAL A 221 -2.69 -29.92 -8.40
CA VAL A 221 -2.41 -28.95 -9.45
C VAL A 221 -1.43 -27.90 -8.95
N SER A 222 -0.68 -27.31 -9.87
CA SER A 222 0.27 -26.27 -9.53
C SER A 222 -0.49 -24.95 -9.41
N SER A 223 -0.58 -24.43 -8.19
CA SER A 223 -1.27 -23.16 -7.95
C SER A 223 -0.44 -21.93 -8.29
N PRO A 224 -1.05 -20.95 -8.98
CA PRO A 224 -0.32 -19.74 -9.33
C PRO A 224 -0.34 -18.68 -8.23
N MET A 225 -0.88 -19.03 -7.06
CA MET A 225 -0.96 -18.03 -5.98
C MET A 225 0.41 -17.60 -5.45
N LYS A 226 0.68 -16.31 -5.55
CA LYS A 226 1.95 -15.74 -5.09
C LYS A 226 1.78 -14.87 -3.83
N LYS A 227 0.60 -14.30 -3.65
CA LYS A 227 0.35 -13.43 -2.52
C LYS A 227 -0.97 -13.72 -1.82
N LEU A 228 -0.94 -13.65 -0.49
CA LEU A 228 -2.10 -13.90 0.33
C LEU A 228 -2.18 -12.83 1.41
N ALA A 229 -3.32 -12.17 1.52
CA ALA A 229 -3.47 -11.12 2.54
C ALA A 229 -4.77 -11.27 3.32
N PHE A 230 -4.68 -11.00 4.61
CA PHE A 230 -5.85 -11.05 5.51
C PHE A 230 -5.97 -9.63 6.07
N ARG A 231 -7.17 -9.05 5.99
CA ARG A 231 -7.38 -7.69 6.50
C ARG A 231 -8.55 -7.69 7.50
N GLY A 232 -8.28 -7.30 8.74
CA GLY A 232 -9.33 -7.26 9.74
C GLY A 232 -9.87 -8.60 10.20
N SER A 233 -9.02 -9.63 10.18
CA SER A 233 -9.45 -10.97 10.60
C SER A 233 -9.31 -11.20 12.09
N VAL A 234 -10.01 -12.22 12.59
CA VAL A 234 -9.91 -12.61 13.99
C VAL A 234 -9.37 -14.05 13.93
N LEU A 235 -8.27 -14.31 14.63
CA LEU A 235 -7.69 -15.65 14.64
C LEU A 235 -7.42 -16.11 16.05
N THR A 236 -7.17 -17.41 16.21
CA THR A 236 -6.80 -17.98 17.50
C THR A 236 -5.46 -18.64 17.16
N ASP A 237 -4.64 -18.95 18.15
CA ASP A 237 -3.37 -19.58 17.83
C ASP A 237 -3.64 -20.94 17.16
N GLU A 238 -4.73 -21.58 17.55
CA GLU A 238 -5.09 -22.88 16.97
C GLU A 238 -5.52 -22.76 15.51
N SER A 239 -6.41 -21.82 15.22
CA SER A 239 -6.89 -21.67 13.85
C SER A 239 -5.79 -21.16 12.93
N PHE A 240 -4.83 -20.41 13.48
CA PHE A 240 -3.71 -19.90 12.70
C PHE A 240 -2.89 -21.10 12.21
N ASN A 241 -2.71 -22.07 13.09
CA ASN A 241 -1.96 -23.27 12.75
C ASN A 241 -2.72 -24.01 11.65
N GLU A 242 -4.05 -24.01 11.76
CA GLU A 242 -4.90 -24.67 10.78
C GLU A 242 -4.74 -24.00 9.42
N LEU A 243 -4.69 -22.67 9.42
CA LEU A 243 -4.54 -21.92 8.18
C LEU A 243 -3.24 -22.29 7.48
N LEU A 244 -2.17 -22.41 8.25
CA LEU A 244 -0.85 -22.74 7.69
C LEU A 244 -0.87 -24.05 6.90
N LYS A 245 -1.79 -24.95 7.26
CA LYS A 245 -1.87 -26.23 6.57
C LYS A 245 -2.30 -26.08 5.11
N LEU A 246 -2.89 -24.94 4.77
CA LEU A 246 -3.34 -24.69 3.41
C LEU A 246 -2.15 -24.43 2.48
N LEU A 247 -0.99 -24.11 3.06
CA LEU A 247 0.19 -23.82 2.26
C LEU A 247 0.62 -24.96 1.35
N ARG A 248 0.29 -26.20 1.73
CA ARG A 248 0.65 -27.36 0.92
C ARG A 248 0.01 -27.29 -0.46
N TYR A 249 -1.04 -26.50 -0.60
CA TYR A 249 -1.75 -26.36 -1.87
C TYR A 249 -1.31 -25.17 -2.72
N ILE A 250 -0.57 -24.25 -2.09
CA ILE A 250 -0.09 -23.07 -2.80
C ILE A 250 1.42 -22.98 -2.62
N LEU A 251 2.11 -23.92 -3.24
CA LEU A 251 3.57 -24.02 -3.16
C LEU A 251 4.38 -22.82 -3.65
N GLU A 252 3.79 -21.97 -4.48
CA GLU A 252 4.54 -20.81 -4.98
C GLU A 252 4.28 -19.54 -4.18
N LEU A 253 3.55 -19.65 -3.09
CA LEU A 253 3.26 -18.48 -2.25
C LEU A 253 4.57 -17.82 -1.85
N SER A 254 4.70 -16.53 -2.11
CA SER A 254 5.93 -15.83 -1.74
C SER A 254 5.73 -14.68 -0.77
N GLU A 255 4.49 -14.20 -0.66
CA GLU A 255 4.22 -13.09 0.24
C GLU A 255 2.91 -13.22 1.00
N VAL A 256 2.94 -12.90 2.28
CA VAL A 256 1.75 -12.97 3.11
C VAL A 256 1.64 -11.70 3.93
N GLU A 257 0.41 -11.16 4.05
CA GLU A 257 0.18 -9.96 4.80
C GLU A 257 -1.01 -10.13 5.76
N PHE A 258 -0.89 -9.52 6.94
CA PHE A 258 -1.94 -9.56 7.96
C PHE A 258 -2.09 -8.13 8.47
N ASP A 259 -3.16 -7.46 8.07
CA ASP A 259 -3.43 -6.06 8.48
C ASP A 259 -4.63 -5.97 9.42
N ASP A 260 -4.47 -5.25 10.52
CA ASP A 260 -5.55 -5.04 11.49
C ASP A 260 -6.23 -6.31 11.96
N CYS A 261 -5.45 -7.35 12.21
CA CYS A 261 -6.01 -8.60 12.68
C CYS A 261 -5.86 -8.71 14.20
N THR A 262 -6.60 -9.65 14.77
CA THR A 262 -6.53 -9.91 16.20
C THR A 262 -6.26 -11.39 16.36
N LEU A 263 -5.30 -11.73 17.21
CA LEU A 263 -4.96 -13.13 17.46
C LEU A 263 -5.22 -13.44 18.92
N ASN A 264 -6.14 -14.37 19.16
CA ASN A 264 -6.47 -14.77 20.53
C ASN A 264 -5.76 -16.05 20.95
N GLY A 265 -5.14 -16.02 22.12
CA GLY A 265 -4.47 -17.20 22.61
C GLY A 265 -5.49 -18.02 23.36
N LEU A 266 -5.80 -19.21 22.86
CA LEU A 266 -6.78 -20.07 23.51
C LEU A 266 -6.46 -20.33 24.97
N GLY A 267 -5.25 -20.81 25.23
CA GLY A 267 -4.85 -21.09 26.61
C GLY A 267 -4.93 -22.56 26.94
N ASP A 268 -5.37 -23.36 25.97
CA ASP A 268 -5.48 -24.81 26.14
C ASP A 268 -4.86 -25.47 24.93
N PHE A 269 -4.55 -24.65 23.92
CA PHE A 269 -3.95 -25.13 22.69
C PHE A 269 -2.57 -25.74 22.94
N ASN A 270 -2.54 -27.05 23.15
CA ASN A 270 -1.30 -27.77 23.40
C ASN A 270 -1.17 -28.81 22.31
N PRO A 271 -0.73 -28.40 21.11
CA PRO A 271 -0.57 -29.30 19.96
C PRO A 271 0.71 -30.12 19.98
N SER A 272 0.62 -31.35 19.47
CA SER A 272 1.77 -32.23 19.41
C SER A 272 2.55 -31.80 18.17
N GLU A 273 3.81 -32.23 18.06
CA GLU A 273 4.63 -31.86 16.90
C GLU A 273 4.04 -32.37 15.60
N SER A 274 3.09 -33.30 15.68
CA SER A 274 2.45 -33.89 14.50
C SER A 274 1.50 -32.94 13.78
N ASP A 275 0.63 -32.27 14.53
CA ASP A 275 -0.34 -31.35 13.95
C ASP A 275 0.18 -29.93 13.79
N VAL A 276 1.41 -29.69 14.22
CA VAL A 276 2.00 -28.36 14.11
C VAL A 276 2.71 -28.17 12.77
N VAL A 277 2.43 -27.05 12.12
CA VAL A 277 3.06 -26.72 10.85
C VAL A 277 4.36 -25.98 11.15
N SER A 278 5.47 -26.49 10.63
CA SER A 278 6.77 -25.87 10.89
C SER A 278 7.50 -25.37 9.65
N GLU A 279 6.96 -25.66 8.47
CA GLU A 279 7.57 -25.23 7.22
C GLU A 279 6.75 -24.11 6.60
N LEU A 280 7.41 -23.18 5.90
CA LEU A 280 6.70 -22.07 5.30
C LEU A 280 6.88 -22.00 3.78
N GLY A 281 7.37 -23.08 3.19
CA GLY A 281 7.55 -23.12 1.75
C GLY A 281 8.48 -22.05 1.21
N LYS A 282 8.04 -21.38 0.15
CA LYS A 282 8.84 -20.35 -0.50
C LYS A 282 8.46 -18.93 -0.07
N VAL A 283 7.71 -18.82 1.02
CA VAL A 283 7.31 -17.51 1.51
C VAL A 283 8.58 -16.77 1.89
N GLU A 284 8.80 -15.61 1.30
CA GLU A 284 10.00 -14.84 1.61
C GLU A 284 9.70 -13.45 2.16
N THR A 285 8.43 -13.04 2.12
CA THR A 285 8.03 -11.74 2.64
C THR A 285 6.82 -11.91 3.56
N VAL A 286 6.94 -11.40 4.77
CA VAL A 286 5.87 -11.48 5.76
C VAL A 286 5.64 -10.04 6.23
N THR A 287 4.41 -9.57 6.13
CA THR A 287 4.09 -8.21 6.52
C THR A 287 2.92 -8.17 7.49
N ILE A 288 3.18 -7.69 8.70
CA ILE A 288 2.15 -7.61 9.73
C ILE A 288 2.00 -6.16 10.15
N ARG A 289 0.76 -5.65 10.14
CA ARG A 289 0.51 -4.28 10.54
C ARG A 289 -0.64 -4.25 11.52
N ARG A 290 -0.46 -3.51 12.61
CA ARG A 290 -1.47 -3.33 13.64
C ARG A 290 -2.11 -4.64 14.09
N LEU A 291 -1.27 -5.54 14.60
CA LEU A 291 -1.73 -6.83 15.11
C LEU A 291 -2.04 -6.70 16.59
N HIS A 292 -3.23 -7.13 16.99
CA HIS A 292 -3.62 -7.07 18.39
C HIS A 292 -3.63 -8.46 19.02
N ILE A 293 -2.79 -8.64 20.04
CA ILE A 293 -2.71 -9.91 20.75
C ILE A 293 -3.18 -9.62 22.17
N PRO A 294 -4.46 -9.89 22.47
CA PRO A 294 -5.05 -9.66 23.79
C PRO A 294 -4.23 -10.18 24.98
N GLN A 295 -4.13 -11.49 25.11
CA GLN A 295 -3.38 -12.06 26.22
C GLN A 295 -2.30 -13.00 25.72
N PHE A 296 -1.09 -12.48 25.59
CA PHE A 296 0.04 -13.24 25.10
C PHE A 296 0.46 -14.37 26.05
N TYR A 297 0.00 -14.31 27.29
CA TYR A 297 0.35 -15.35 28.26
C TYR A 297 -0.49 -16.60 28.02
N LEU A 298 -1.33 -16.56 26.99
CA LEU A 298 -2.18 -17.70 26.64
C LEU A 298 -1.65 -18.50 25.45
N PHE A 299 -0.36 -18.35 25.17
CA PHE A 299 0.27 -19.08 24.07
C PHE A 299 1.28 -20.08 24.65
N TYR A 300 1.53 -21.17 23.92
CA TYR A 300 2.47 -22.18 24.39
C TYR A 300 3.91 -21.78 24.04
N ASP A 301 4.84 -22.73 24.20
CA ASP A 301 6.23 -22.47 23.87
C ASP A 301 6.35 -22.27 22.37
N LEU A 302 6.12 -21.04 21.93
CA LEU A 302 6.18 -20.68 20.51
C LEU A 302 7.59 -20.76 19.95
N SER A 303 8.08 -21.97 19.72
CA SER A 303 9.42 -22.16 19.18
C SER A 303 9.30 -22.68 17.75
N THR A 304 8.09 -23.10 17.39
CA THR A 304 7.83 -23.61 16.05
C THR A 304 8.01 -22.51 15.01
N VAL A 305 7.71 -21.28 15.41
CA VAL A 305 7.85 -20.15 14.50
C VAL A 305 9.31 -19.91 14.12
N TYR A 306 10.22 -20.51 14.88
CA TYR A 306 11.65 -20.38 14.62
C TYR A 306 12.00 -21.09 13.32
N SER A 307 11.42 -22.26 13.12
CA SER A 307 11.67 -23.04 11.90
C SER A 307 10.82 -22.50 10.75
N LEU A 308 9.78 -21.76 11.11
CA LEU A 308 8.86 -21.21 10.11
C LEU A 308 9.47 -20.07 9.30
N LEU A 309 10.23 -19.20 9.96
CA LEU A 309 10.80 -18.04 9.28
C LEU A 309 12.27 -18.10 8.88
N GLU A 310 12.88 -19.28 8.91
CA GLU A 310 14.29 -19.43 8.56
C GLU A 310 14.69 -18.99 7.16
N LYS A 311 13.76 -19.08 6.21
CA LYS A 311 14.06 -18.69 4.83
C LYS A 311 13.45 -17.34 4.44
N VAL A 312 12.73 -16.71 5.36
CA VAL A 312 12.10 -15.42 5.04
C VAL A 312 13.16 -14.33 4.87
N LYS A 313 13.02 -13.53 3.81
CA LYS A 313 13.97 -12.46 3.52
C LYS A 313 13.54 -11.07 3.98
N ARG A 314 12.24 -10.84 4.07
CA ARG A 314 11.72 -9.53 4.49
C ARG A 314 10.61 -9.71 5.49
N ILE A 315 10.71 -9.01 6.61
CA ILE A 315 9.68 -9.08 7.66
C ILE A 315 9.35 -7.69 8.14
N THR A 316 8.05 -7.41 8.24
CA THR A 316 7.58 -6.13 8.75
C THR A 316 6.57 -6.45 9.83
N VAL A 317 6.78 -5.88 11.03
CA VAL A 317 5.82 -6.05 12.11
C VAL A 317 5.69 -4.62 12.63
N GLU A 318 4.71 -3.93 12.07
CA GLU A 318 4.46 -2.52 12.37
C GLU A 318 3.30 -2.24 13.34
N ASN A 319 3.53 -1.27 14.21
CA ASN A 319 2.52 -0.84 15.18
C ASN A 319 1.78 -2.02 15.83
N SER A 320 2.54 -2.94 16.40
CA SER A 320 1.97 -4.11 17.04
C SER A 320 2.47 -4.32 18.47
N LYS A 321 2.86 -3.22 19.13
CA LYS A 321 3.33 -3.25 20.51
C LYS A 321 4.49 -4.20 20.79
N VAL A 322 5.41 -4.29 19.85
CA VAL A 322 6.56 -5.17 20.00
C VAL A 322 7.58 -4.47 20.89
N PHE A 323 8.08 -5.15 21.92
CA PHE A 323 9.08 -4.54 22.78
C PHE A 323 10.32 -5.42 22.85
N LEU A 324 10.22 -6.59 22.24
CA LEU A 324 11.33 -7.53 22.26
C LEU A 324 11.23 -8.61 21.20
N VAL A 325 12.37 -8.89 20.56
CA VAL A 325 12.50 -9.95 19.58
C VAL A 325 13.57 -10.78 20.27
N PRO A 326 13.17 -11.85 20.96
CA PRO A 326 14.15 -12.67 21.66
C PRO A 326 15.36 -13.12 20.81
N CYS A 327 16.53 -13.05 21.43
CA CYS A 327 17.79 -13.41 20.78
C CYS A 327 17.76 -14.72 20.01
N SER A 328 17.30 -15.79 20.64
CA SER A 328 17.27 -17.10 19.97
C SER A 328 16.41 -17.06 18.72
N PHE A 329 15.34 -16.26 18.74
CA PHE A 329 14.48 -16.15 17.58
C PHE A 329 15.22 -15.39 16.48
N SER A 330 15.88 -14.31 16.86
CA SER A 330 16.63 -13.49 15.91
C SER A 330 17.76 -14.30 15.26
N GLN A 331 18.36 -15.22 16.02
CA GLN A 331 19.44 -16.03 15.49
C GLN A 331 18.96 -17.05 14.46
N HIS A 332 17.67 -17.38 14.51
CA HIS A 332 17.09 -18.33 13.57
C HIS A 332 16.69 -17.71 12.23
N LEU A 333 16.61 -16.38 12.15
CA LEU A 333 16.22 -15.69 10.93
C LEU A 333 17.48 -15.50 10.10
N LYS A 334 18.05 -16.61 9.66
CA LYS A 334 19.30 -16.62 8.90
C LYS A 334 19.27 -15.99 7.51
N SER A 335 18.10 -15.95 6.87
CA SER A 335 18.01 -15.38 5.53
C SER A 335 17.48 -13.95 5.51
N LEU A 336 17.05 -13.45 6.65
CA LEU A 336 16.47 -12.11 6.73
C LEU A 336 17.41 -11.00 6.25
N GLU A 337 16.92 -10.19 5.31
CA GLU A 337 17.69 -9.07 4.77
C GLU A 337 17.10 -7.71 5.12
N PHE A 338 15.78 -7.68 5.34
CA PHE A 338 15.06 -6.45 5.66
C PHE A 338 14.15 -6.71 6.85
N LEU A 339 14.22 -5.83 7.85
CA LEU A 339 13.39 -5.95 9.05
C LEU A 339 12.85 -4.57 9.40
N ASP A 340 11.53 -4.44 9.44
CA ASP A 340 10.88 -3.17 9.75
C ASP A 340 10.04 -3.36 11.01
N LEU A 341 10.43 -2.68 12.09
CA LEU A 341 9.71 -2.75 13.36
C LEU A 341 9.17 -1.36 13.72
N SER A 342 8.75 -0.60 12.71
CA SER A 342 8.22 0.75 12.92
C SER A 342 7.04 0.82 13.90
N GLU A 343 6.96 1.92 14.63
CA GLU A 343 5.86 2.18 15.56
C GLU A 343 5.63 1.13 16.63
N ASN A 344 6.70 0.74 17.29
CA ASN A 344 6.59 -0.25 18.35
C ASN A 344 7.13 0.31 19.67
N LEU A 345 7.52 -0.56 20.58
CA LEU A 345 7.99 -0.13 21.90
C LEU A 345 9.44 -0.47 22.22
N MET A 346 10.28 -0.52 21.19
CA MET A 346 11.69 -0.86 21.40
C MET A 346 12.50 0.20 22.14
N VAL A 347 13.26 -0.25 23.13
CA VAL A 347 14.15 0.62 23.89
C VAL A 347 15.49 -0.10 23.86
N GLU A 348 16.58 0.63 24.00
CA GLU A 348 17.92 0.06 23.93
C GLU A 348 18.17 -1.24 24.67
N GLU A 349 17.82 -1.33 25.95
CA GLU A 349 18.06 -2.55 26.72
C GLU A 349 17.51 -3.81 26.07
N TYR A 350 16.32 -3.72 25.49
CA TYR A 350 15.73 -4.88 24.85
C TYR A 350 16.26 -5.07 23.43
N LEU A 351 16.60 -3.97 22.77
CA LEU A 351 17.16 -4.06 21.42
C LEU A 351 18.50 -4.79 21.52
N LYS A 352 19.16 -4.67 22.67
CA LYS A 352 20.46 -5.32 22.87
C LYS A 352 20.31 -6.84 22.87
N ASN A 353 19.17 -7.33 23.36
CA ASN A 353 18.91 -8.77 23.35
C ASN A 353 18.44 -9.19 21.97
N SER A 354 17.63 -8.34 21.33
CA SER A 354 17.08 -8.61 20.01
C SER A 354 18.20 -8.67 18.97
N ALA A 355 19.20 -7.80 19.11
CA ALA A 355 20.31 -7.77 18.18
C ALA A 355 21.54 -8.36 18.82
N CYS A 356 21.41 -9.57 19.37
CA CYS A 356 22.52 -10.25 20.02
C CYS A 356 23.57 -10.74 19.01
N LYS A 357 24.72 -11.15 19.52
CA LYS A 357 25.85 -11.63 18.72
C LYS A 357 25.55 -12.11 17.30
N GLY A 358 24.82 -13.21 17.16
CA GLY A 358 24.52 -13.72 15.83
C GLY A 358 23.11 -13.48 15.32
N ALA A 359 22.49 -12.40 15.78
CA ALA A 359 21.12 -12.07 15.37
C ALA A 359 21.09 -11.58 13.92
N TRP A 360 19.97 -11.82 13.24
CA TRP A 360 19.76 -11.36 11.87
C TRP A 360 21.09 -11.29 11.11
N PRO A 361 21.80 -12.42 10.99
CA PRO A 361 23.09 -12.54 10.30
C PRO A 361 23.23 -11.84 8.95
N SER A 362 22.23 -12.05 8.09
CA SER A 362 22.24 -11.48 6.75
C SER A 362 21.58 -10.11 6.63
N LEU A 363 21.14 -9.53 7.75
CA LEU A 363 20.44 -8.25 7.67
C LEU A 363 21.17 -7.09 7.01
N GLN A 364 20.51 -6.44 6.06
CA GLN A 364 21.08 -5.29 5.36
C GLN A 364 20.36 -4.01 5.72
N THR A 365 19.05 -4.12 5.96
CA THR A 365 18.22 -2.96 6.27
C THR A 365 17.41 -3.16 7.54
N LEU A 366 17.52 -2.20 8.46
CA LEU A 366 16.79 -2.26 9.71
C LEU A 366 16.03 -0.95 9.93
N VAL A 367 14.71 -1.05 10.10
CA VAL A 367 13.87 0.13 10.32
C VAL A 367 13.31 0.09 11.74
N LEU A 368 13.72 1.06 12.56
CA LEU A 368 13.27 1.17 13.94
C LEU A 368 12.63 2.54 14.13
N SER A 369 12.05 3.05 13.05
CA SER A 369 11.45 4.38 13.05
C SER A 369 10.77 4.90 14.32
N GLN A 370 9.48 4.70 14.46
CA GLN A 370 8.77 5.26 15.60
C GLN A 370 8.76 4.36 16.85
N ASN A 371 9.89 4.31 17.54
CA ASN A 371 9.99 3.52 18.76
C ASN A 371 10.36 4.37 19.98
N HIS A 372 11.00 3.77 20.98
CA HIS A 372 11.36 4.51 22.18
C HIS A 372 12.85 4.63 22.46
N LEU A 373 13.64 4.70 21.40
CA LEU A 373 15.10 4.84 21.54
C LEU A 373 15.40 6.26 22.04
N ARG A 374 16.44 6.39 22.88
CA ARG A 374 16.80 7.68 23.45
C ARG A 374 18.25 8.09 23.19
N SER A 375 19.11 7.11 22.93
CA SER A 375 20.52 7.43 22.70
C SER A 375 21.08 6.89 21.39
N MET A 376 21.53 7.78 20.51
CA MET A 376 22.11 7.34 19.24
C MET A 376 23.40 6.58 19.46
N GLN A 377 24.20 7.03 20.42
CA GLN A 377 25.48 6.36 20.70
C GLN A 377 25.24 4.93 21.18
N LYS A 378 24.31 4.74 22.11
CA LYS A 378 24.04 3.41 22.61
C LYS A 378 23.43 2.52 21.52
N THR A 379 22.57 3.11 20.69
CA THR A 379 21.92 2.37 19.61
C THR A 379 22.95 1.87 18.61
N GLY A 380 23.86 2.76 18.20
CA GLY A 380 24.88 2.37 17.24
C GLY A 380 25.76 1.25 17.77
N GLU A 381 26.13 1.38 19.05
CA GLU A 381 26.97 0.41 19.75
C GLU A 381 26.30 -0.96 19.79
N ILE A 382 25.01 -0.97 20.10
CA ILE A 382 24.25 -2.21 20.17
C ILE A 382 24.18 -2.90 18.82
N LEU A 383 24.05 -2.12 17.76
CA LEU A 383 23.92 -2.68 16.41
C LEU A 383 25.23 -3.16 15.76
N LEU A 384 26.36 -3.00 16.46
CA LEU A 384 27.64 -3.45 15.89
C LEU A 384 27.63 -4.95 15.61
N THR A 385 26.67 -5.66 16.20
CA THR A 385 26.54 -7.10 15.99
C THR A 385 26.06 -7.43 14.57
N LEU A 386 25.45 -6.45 13.91
CA LEU A 386 24.93 -6.63 12.55
C LEU A 386 26.03 -6.22 11.56
N LYS A 387 26.89 -7.17 11.23
CA LYS A 387 28.02 -6.93 10.35
C LYS A 387 27.72 -6.57 8.89
N ASN A 388 26.57 -6.99 8.39
CA ASN A 388 26.21 -6.70 7.00
C ASN A 388 25.22 -5.56 6.83
N LEU A 389 24.88 -4.88 7.92
CA LEU A 389 23.91 -3.79 7.84
C LEU A 389 24.42 -2.63 7.00
N THR A 390 23.62 -2.21 6.02
CA THR A 390 24.01 -1.09 5.18
C THR A 390 23.06 0.10 5.30
N SER A 391 21.85 -0.14 5.80
CA SER A 391 20.87 0.92 5.96
C SER A 391 20.17 0.85 7.32
N LEU A 392 20.09 2.00 7.99
CA LEU A 392 19.43 2.08 9.29
C LEU A 392 18.48 3.28 9.36
N ASP A 393 17.24 3.03 9.78
CA ASP A 393 16.25 4.09 9.90
C ASP A 393 15.83 4.19 11.37
N ILE A 394 16.23 5.27 12.04
CA ILE A 394 15.87 5.46 13.44
C ILE A 394 15.11 6.78 13.60
N SER A 395 14.43 7.16 12.54
CA SER A 395 13.64 8.39 12.51
C SER A 395 12.49 8.29 13.49
N ARG A 396 11.93 9.44 13.83
CA ARG A 396 10.80 9.50 14.74
C ARG A 396 11.04 8.91 16.14
N ASN A 397 12.29 8.96 16.60
CA ASN A 397 12.63 8.52 17.94
C ASN A 397 13.13 9.80 18.60
N THR A 398 12.78 10.01 19.87
CA THR A 398 13.20 11.22 20.58
C THR A 398 14.57 11.02 21.20
N PHE A 399 15.60 11.41 20.46
CA PHE A 399 16.97 11.25 20.92
C PHE A 399 17.52 12.44 21.71
N HIS A 400 18.38 12.13 22.67
CA HIS A 400 19.07 13.16 23.44
C HIS A 400 20.17 13.61 22.49
N PRO A 401 20.84 14.73 22.78
CA PRO A 401 21.90 15.17 21.86
C PRO A 401 22.97 14.11 21.59
N MET A 402 23.43 14.02 20.34
CA MET A 402 24.45 13.05 19.96
C MET A 402 25.82 13.56 20.37
N PRO A 403 26.77 12.64 20.64
CA PRO A 403 28.12 13.01 21.04
C PRO A 403 29.02 13.19 19.81
N ASP A 404 30.30 13.46 20.05
CA ASP A 404 31.25 13.65 18.96
C ASP A 404 31.80 12.33 18.43
N SER A 405 31.74 11.28 19.25
CA SER A 405 32.26 9.98 18.85
C SER A 405 31.21 8.87 18.99
N CYS A 406 31.03 8.11 17.91
CA CYS A 406 30.07 7.01 17.90
C CYS A 406 30.60 5.86 17.05
N GLN A 407 30.17 4.66 17.42
CA GLN A 407 30.54 3.45 16.70
C GLN A 407 29.29 2.99 15.94
N TRP A 408 29.41 2.68 14.65
CA TRP A 408 28.27 2.21 13.86
C TRP A 408 28.72 1.04 13.00
N PRO A 409 27.75 0.26 12.47
CA PRO A 409 28.09 -0.87 11.61
C PRO A 409 28.99 -0.31 10.50
N GLU A 410 30.09 -0.99 10.22
CA GLU A 410 31.05 -0.52 9.22
C GLU A 410 30.52 -0.28 7.81
N LYS A 411 29.56 -1.07 7.36
CA LYS A 411 29.04 -0.90 6.01
C LYS A 411 27.86 0.06 5.90
N MET A 412 27.47 0.68 7.01
CA MET A 412 26.31 1.57 6.98
C MET A 412 26.51 2.77 6.05
N ARG A 413 25.68 2.85 5.02
CA ARG A 413 25.75 3.93 4.03
C ARG A 413 24.49 4.78 4.00
N PHE A 414 23.45 4.34 4.69
CA PHE A 414 22.18 5.06 4.72
C PHE A 414 21.76 5.22 6.19
N LEU A 415 21.48 6.46 6.60
CA LEU A 415 21.04 6.71 7.97
C LEU A 415 19.92 7.74 7.99
N ASN A 416 18.76 7.34 8.53
CA ASN A 416 17.62 8.24 8.60
C ASN A 416 17.45 8.73 10.04
N LEU A 417 17.66 10.03 10.25
CA LEU A 417 17.51 10.66 11.56
C LEU A 417 16.42 11.72 11.50
N SER A 418 15.49 11.55 10.57
CA SER A 418 14.40 12.49 10.42
C SER A 418 13.51 12.50 11.66
N SER A 419 13.03 13.69 12.02
CA SER A 419 12.14 13.84 13.17
C SER A 419 12.66 13.19 14.45
N THR A 420 13.88 13.52 14.84
CA THR A 420 14.46 12.97 16.05
C THR A 420 14.70 14.08 17.09
N GLY A 421 14.28 15.30 16.75
CA GLY A 421 14.45 16.42 17.65
C GLY A 421 15.87 16.89 17.87
N ILE A 422 16.80 16.54 16.97
CA ILE A 422 18.18 16.98 17.18
C ILE A 422 18.35 18.45 16.84
N ARG A 423 19.21 19.13 17.58
CA ARG A 423 19.48 20.55 17.39
C ARG A 423 20.81 20.78 16.70
N VAL A 424 21.69 19.79 16.77
CA VAL A 424 23.01 19.89 16.15
C VAL A 424 23.47 18.54 15.62
N VAL A 425 24.25 18.55 14.56
CA VAL A 425 24.80 17.32 13.99
C VAL A 425 26.28 17.33 14.32
N LYS A 426 26.78 16.22 14.87
CA LYS A 426 28.18 16.12 15.23
C LYS A 426 28.82 14.94 14.53
N THR A 427 30.13 14.78 14.72
CA THR A 427 30.87 13.70 14.09
C THR A 427 30.45 12.29 14.51
N CYS A 428 29.35 12.19 15.25
CA CYS A 428 28.81 10.89 15.65
C CYS A 428 28.42 10.22 14.33
N ILE A 429 27.91 11.05 13.41
CA ILE A 429 27.50 10.60 12.08
C ILE A 429 28.78 10.26 11.31
N PRO A 430 28.90 9.01 10.83
CA PRO A 430 30.08 8.52 10.08
C PRO A 430 30.28 9.04 8.65
N GLN A 431 31.55 9.10 8.23
CA GLN A 431 31.89 9.57 6.88
C GLN A 431 31.67 8.49 5.83
N THR A 432 31.17 7.34 6.26
CA THR A 432 30.90 6.25 5.34
C THR A 432 29.53 6.46 4.68
N LEU A 433 28.80 7.45 5.19
CA LEU A 433 27.47 7.74 4.68
C LEU A 433 27.36 8.25 3.24
N GLU A 434 26.41 7.68 2.52
CA GLU A 434 26.10 8.07 1.15
C GLU A 434 24.74 8.74 1.17
N VAL A 435 23.90 8.40 2.16
CA VAL A 435 22.59 9.02 2.27
C VAL A 435 22.29 9.39 3.73
N LEU A 436 21.94 10.66 3.95
CA LEU A 436 21.65 11.13 5.30
C LEU A 436 20.37 11.95 5.30
N ASP A 437 19.44 11.59 6.18
CA ASP A 437 18.19 12.33 6.26
C ASP A 437 18.11 12.91 7.66
N VAL A 438 18.20 14.24 7.76
CA VAL A 438 18.07 14.92 9.05
C VAL A 438 16.97 15.96 8.95
N SER A 439 15.96 15.65 8.15
CA SER A 439 14.84 16.56 7.95
C SER A 439 13.91 16.56 9.14
N ASN A 440 13.10 17.62 9.21
CA ASN A 440 12.13 17.79 10.28
C ASN A 440 12.74 17.72 11.67
N ASN A 441 13.78 18.50 11.88
CA ASN A 441 14.46 18.57 13.17
C ASN A 441 14.54 20.04 13.60
N ASN A 442 15.48 20.37 14.47
CA ASN A 442 15.62 21.74 14.96
C ASN A 442 17.03 22.26 14.67
N LEU A 443 17.56 21.96 13.48
CA LEU A 443 18.90 22.37 13.10
C LEU A 443 18.99 23.83 12.63
N ASP A 444 20.00 24.54 13.10
CA ASP A 444 20.22 25.92 12.69
C ASP A 444 21.34 25.98 11.66
N SER A 445 22.11 24.90 11.55
CA SER A 445 23.21 24.84 10.58
C SER A 445 23.67 23.39 10.37
N PHE A 446 24.50 23.20 9.35
CA PHE A 446 25.06 21.89 9.03
C PHE A 446 26.49 22.14 8.57
N SER A 447 27.46 21.59 9.29
CA SER A 447 28.87 21.81 8.95
C SER A 447 29.69 20.53 8.87
N LEU A 448 29.00 19.40 8.72
CA LEU A 448 29.65 18.10 8.67
C LEU A 448 30.20 17.74 7.29
N PHE A 449 31.50 17.45 7.21
CA PHE A 449 32.10 17.06 5.94
C PHE A 449 31.83 15.57 5.73
N LEU A 450 31.01 15.25 4.73
CA LEU A 450 30.67 13.87 4.40
C LEU A 450 31.04 13.67 2.94
N PRO A 451 32.33 13.38 2.69
CA PRO A 451 32.91 13.16 1.36
C PRO A 451 32.24 12.20 0.40
N ARG A 452 31.51 11.22 0.90
CA ARG A 452 30.85 10.27 0.02
C ARG A 452 29.35 10.50 -0.11
N LEU A 453 28.84 11.52 0.58
CA LEU A 453 27.41 11.80 0.56
C LEU A 453 26.84 12.07 -0.83
N GLN A 454 25.80 11.32 -1.18
CA GLN A 454 25.12 11.48 -2.47
C GLN A 454 23.77 12.15 -2.26
N GLU A 455 23.18 11.99 -1.09
CA GLU A 455 21.88 12.60 -0.81
C GLU A 455 21.77 13.15 0.61
N LEU A 456 21.37 14.41 0.70
CA LEU A 456 21.18 15.08 1.98
C LEU A 456 19.76 15.61 2.01
N TYR A 457 19.00 15.22 3.02
CA TYR A 457 17.62 15.67 3.20
C TYR A 457 17.68 16.46 4.51
N ILE A 458 17.46 17.77 4.43
CA ILE A 458 17.51 18.60 5.62
C ILE A 458 16.38 19.64 5.58
N SER A 459 15.29 19.24 4.94
CA SER A 459 14.10 20.07 4.81
C SER A 459 13.42 20.20 6.17
N ARG A 460 12.65 21.26 6.35
CA ARG A 460 11.95 21.49 7.60
C ARG A 460 12.87 21.60 8.81
N ASN A 461 13.78 22.57 8.75
CA ASN A 461 14.71 22.86 9.82
C ASN A 461 14.74 24.37 9.93
N LYS A 462 15.75 24.92 10.62
CA LYS A 462 15.83 26.37 10.77
C LYS A 462 17.10 26.99 10.21
N LEU A 463 17.61 26.42 9.12
CA LEU A 463 18.82 26.95 8.52
C LEU A 463 18.58 28.31 7.86
N LYS A 464 19.45 29.27 8.17
CA LYS A 464 19.35 30.61 7.61
C LYS A 464 20.46 30.77 6.58
N THR A 465 21.33 29.77 6.54
CA THR A 465 22.45 29.79 5.62
C THR A 465 22.60 28.40 4.99
N LEU A 466 22.73 28.37 3.68
CA LEU A 466 22.89 27.12 2.97
C LEU A 466 24.22 26.51 3.40
N PRO A 467 24.24 25.20 3.67
CA PRO A 467 25.52 24.61 4.09
C PRO A 467 26.55 24.74 2.97
N ASP A 468 27.82 24.89 3.35
CA ASP A 468 28.92 25.05 2.41
C ASP A 468 28.95 23.96 1.34
N ALA A 469 29.06 24.39 0.08
CA ALA A 469 29.09 23.46 -1.05
C ALA A 469 30.26 22.47 -0.98
N SER A 470 31.37 22.92 -0.42
CA SER A 470 32.57 22.07 -0.29
C SER A 470 32.37 20.88 0.64
N LEU A 471 31.28 20.87 1.39
CA LEU A 471 31.00 19.76 2.31
C LEU A 471 30.53 18.50 1.60
N PHE A 472 30.00 18.65 0.38
CA PHE A 472 29.49 17.52 -0.37
C PHE A 472 29.95 17.56 -1.83
N PRO A 473 31.22 17.19 -2.09
CA PRO A 473 31.76 17.21 -3.44
C PRO A 473 31.13 16.29 -4.49
N VAL A 474 30.39 15.27 -4.06
CA VAL A 474 29.75 14.37 -5.01
C VAL A 474 28.25 14.24 -4.77
N LEU A 475 27.67 15.28 -4.17
CA LEU A 475 26.24 15.28 -3.86
C LEU A 475 25.38 15.23 -5.13
N LEU A 476 24.39 14.35 -5.11
CA LEU A 476 23.46 14.19 -6.23
C LEU A 476 22.11 14.83 -5.92
N VAL A 477 21.70 14.76 -4.65
CA VAL A 477 20.41 15.29 -4.24
C VAL A 477 20.48 16.11 -2.95
N MET A 478 19.87 17.29 -2.97
CA MET A 478 19.82 18.12 -1.78
C MET A 478 18.40 18.60 -1.56
N LYS A 479 17.85 18.31 -0.39
CA LYS A 479 16.49 18.73 -0.07
C LYS A 479 16.61 19.71 1.07
N ILE A 480 16.29 20.98 0.82
CA ILE A 480 16.40 21.98 1.87
C ILE A 480 15.24 22.95 1.82
N SER A 481 14.05 22.40 1.57
CA SER A 481 12.86 23.23 1.52
C SER A 481 12.44 23.50 2.96
N ARG A 482 11.47 24.38 3.13
CA ARG A 482 10.95 24.73 4.45
C ARG A 482 12.00 25.04 5.53
N ASN A 483 12.94 25.92 5.22
CA ASN A 483 13.91 26.35 6.20
C ASN A 483 13.70 27.86 6.28
N GLN A 484 14.76 28.63 6.52
CA GLN A 484 14.61 30.07 6.60
C GLN A 484 15.64 30.77 5.72
N LEU A 485 15.91 30.18 4.57
CA LEU A 485 16.88 30.73 3.64
C LEU A 485 16.32 31.95 2.93
N LYS A 486 17.10 33.03 2.93
CA LYS A 486 16.68 34.26 2.27
C LYS A 486 17.55 34.52 1.04
N SER A 487 18.74 33.90 1.01
CA SER A 487 19.66 34.08 -0.10
C SER A 487 20.69 32.95 -0.12
N VAL A 488 21.51 32.93 -1.16
CA VAL A 488 22.57 31.93 -1.29
C VAL A 488 23.81 32.64 -1.81
N PRO A 489 25.02 32.09 -1.50
CA PRO A 489 26.25 32.72 -1.98
C PRO A 489 26.32 32.62 -3.51
N ASP A 490 26.87 33.63 -4.17
CA ASP A 490 26.95 33.58 -5.63
C ASP A 490 27.75 32.36 -6.08
N GLY A 491 27.24 31.69 -7.11
CA GLY A 491 27.89 30.53 -7.69
C GLY A 491 27.87 29.22 -6.93
N ILE A 492 27.21 29.19 -5.77
CA ILE A 492 27.20 27.99 -4.95
C ILE A 492 26.66 26.70 -5.58
N PHE A 493 25.55 26.78 -6.30
CA PHE A 493 24.99 25.58 -6.90
C PHE A 493 25.82 25.03 -8.05
N ASP A 494 26.61 25.88 -8.67
CA ASP A 494 27.47 25.43 -9.76
C ASP A 494 28.66 24.68 -9.18
N ARG A 495 28.82 24.75 -7.85
CA ARG A 495 29.90 24.06 -7.19
C ARG A 495 29.47 22.65 -6.75
N LEU A 496 28.18 22.36 -6.89
CA LEU A 496 27.63 21.03 -6.59
C LEU A 496 27.67 20.41 -7.97
N THR A 497 28.86 19.97 -8.37
CA THR A 497 29.11 19.42 -9.70
C THR A 497 28.43 18.12 -10.11
N SER A 498 27.82 17.42 -9.17
CA SER A 498 27.13 16.17 -9.49
C SER A 498 25.63 16.31 -9.22
N LEU A 499 25.20 17.49 -8.80
CA LEU A 499 23.80 17.72 -8.48
C LEU A 499 22.83 17.35 -9.59
N GLN A 500 21.84 16.55 -9.23
CA GLN A 500 20.81 16.11 -10.16
C GLN A 500 19.45 16.66 -9.78
N LYS A 501 19.18 16.76 -8.48
CA LYS A 501 17.89 17.27 -8.01
C LYS A 501 18.02 18.11 -6.75
N ILE A 502 17.23 19.18 -6.66
CA ILE A 502 17.27 20.04 -5.50
C ILE A 502 15.89 20.61 -5.18
N TRP A 503 15.56 20.61 -3.89
CA TRP A 503 14.29 21.13 -3.37
C TRP A 503 14.64 22.42 -2.64
N LEU A 504 14.16 23.55 -3.15
CA LEU A 504 14.44 24.85 -2.55
C LEU A 504 13.20 25.61 -2.15
N HIS A 505 12.03 25.00 -2.36
CA HIS A 505 10.77 25.66 -2.07
C HIS A 505 10.46 25.90 -0.60
N THR A 506 9.45 26.74 -0.37
CA THR A 506 9.01 27.09 0.97
C THR A 506 10.08 27.71 1.84
N ASN A 507 10.84 28.64 1.25
CA ASN A 507 11.89 29.39 1.94
C ASN A 507 11.58 30.86 1.67
N PRO A 508 11.87 31.74 2.63
CA PRO A 508 11.61 33.18 2.45
C PRO A 508 12.65 33.89 1.58
N TRP A 509 12.73 33.49 0.31
CA TRP A 509 13.68 34.09 -0.62
C TRP A 509 13.51 35.59 -0.80
N ASP A 510 14.59 36.34 -0.61
CA ASP A 510 14.59 37.78 -0.77
C ASP A 510 14.86 38.08 -2.23
N CYS A 511 13.81 38.44 -2.97
CA CYS A 511 13.97 38.70 -4.39
C CYS A 511 14.35 40.13 -4.80
N SER A 512 15.01 40.86 -3.90
CA SER A 512 15.45 42.21 -4.24
C SER A 512 16.53 41.93 -5.29
N CYS A 513 16.54 42.68 -6.38
CA CYS A 513 17.47 42.41 -7.46
C CYS A 513 18.97 42.50 -7.26
N PRO A 514 19.47 43.49 -6.52
CA PRO A 514 20.93 43.47 -6.39
C PRO A 514 21.36 42.36 -5.44
N ARG A 515 20.61 41.24 -5.45
CA ARG A 515 20.92 40.12 -4.57
C ARG A 515 20.42 38.77 -5.09
N ILE A 516 19.22 38.75 -5.66
CA ILE A 516 18.62 37.52 -6.17
C ILE A 516 19.08 37.14 -7.57
N ASP A 517 19.93 37.97 -8.18
CA ASP A 517 20.40 37.73 -9.55
C ASP A 517 20.94 36.33 -9.84
N TYR A 518 21.92 35.87 -9.07
CA TYR A 518 22.50 34.54 -9.31
C TYR A 518 21.49 33.40 -9.19
N LEU A 519 20.73 33.39 -8.10
CA LEU A 519 19.76 32.35 -7.86
C LEU A 519 18.68 32.28 -8.94
N SER A 520 18.13 33.44 -9.32
CA SER A 520 17.12 33.47 -10.36
C SER A 520 17.70 32.95 -11.66
N ARG A 521 18.91 33.38 -12.00
CA ARG A 521 19.56 32.94 -13.24
C ARG A 521 19.91 31.44 -13.22
N TRP A 522 20.31 30.94 -12.05
CA TRP A 522 20.65 29.52 -11.94
C TRP A 522 19.39 28.68 -12.13
N LEU A 523 18.30 29.10 -11.49
CA LEU A 523 17.05 28.36 -11.61
C LEU A 523 16.55 28.33 -13.06
N ASN A 524 16.82 29.39 -13.82
CA ASN A 524 16.39 29.43 -15.22
C ASN A 524 17.20 28.50 -16.12
N LYS A 525 18.45 28.26 -15.75
CA LYS A 525 19.32 27.39 -16.52
C LYS A 525 19.31 25.96 -16.00
N ASN A 526 18.63 25.73 -14.88
CA ASN A 526 18.58 24.39 -14.29
C ASN A 526 17.18 23.96 -13.87
N SER A 527 16.18 24.38 -14.64
CA SER A 527 14.79 24.04 -14.34
C SER A 527 14.58 22.54 -14.14
N GLN A 528 15.32 21.72 -14.88
CA GLN A 528 15.18 20.28 -14.76
C GLN A 528 15.53 19.79 -13.35
N LYS A 529 16.54 20.40 -12.76
CA LYS A 529 16.98 19.99 -11.42
C LYS A 529 16.05 20.37 -10.26
N GLU A 530 15.36 21.50 -10.38
CA GLU A 530 14.49 21.94 -9.30
C GLU A 530 13.20 21.15 -9.14
N GLN A 531 12.93 20.76 -7.90
CA GLN A 531 11.72 20.01 -7.56
C GLN A 531 10.86 21.02 -6.81
N GLY A 532 9.68 21.31 -7.34
CA GLY A 532 8.82 22.30 -6.73
C GLY A 532 9.28 23.63 -7.26
N SER A 533 8.74 24.74 -6.77
CA SER A 533 9.17 26.04 -7.28
C SER A 533 9.46 27.02 -6.14
N ALA A 534 10.68 27.56 -6.14
CA ALA A 534 11.07 28.52 -5.13
C ALA A 534 10.29 29.80 -5.40
N LYS A 535 9.73 30.39 -4.35
CA LYS A 535 8.94 31.62 -4.51
C LYS A 535 9.48 32.75 -3.64
N CYS A 536 9.26 33.97 -4.10
CA CYS A 536 9.70 35.16 -3.39
C CYS A 536 8.88 35.40 -2.14
N SER A 537 9.55 35.85 -1.08
CA SER A 537 8.87 36.14 0.17
C SER A 537 7.94 37.32 -0.05
N GLY A 538 6.70 37.20 0.40
CA GLY A 538 5.76 38.30 0.23
C GLY A 538 4.90 38.18 -1.01
N SER A 539 5.44 38.57 -2.16
CA SER A 539 4.71 38.52 -3.42
C SER A 539 4.30 37.11 -3.83
N GLY A 540 5.10 36.12 -3.47
CA GLY A 540 4.79 34.75 -3.84
C GLY A 540 5.11 34.44 -5.29
N LYS A 541 5.79 35.39 -5.94
CA LYS A 541 6.19 35.25 -7.33
C LYS A 541 7.34 34.24 -7.44
N PRO A 542 7.35 33.41 -8.50
CA PRO A 542 8.43 32.43 -8.66
C PRO A 542 9.80 33.11 -8.79
N VAL A 543 10.77 32.63 -8.03
CA VAL A 543 12.11 33.21 -8.06
C VAL A 543 12.65 33.30 -9.50
N ARG A 544 12.40 32.26 -10.29
CA ARG A 544 12.86 32.22 -11.68
C ARG A 544 12.31 33.33 -12.58
N SER A 545 11.18 33.91 -12.19
CA SER A 545 10.57 34.97 -12.98
C SER A 545 11.28 36.30 -12.82
N ILE A 546 12.11 36.42 -11.79
CA ILE A 546 12.83 37.65 -11.54
C ILE A 546 14.02 37.82 -12.48
N ILE A 547 14.13 39.00 -13.09
CA ILE A 547 15.23 39.28 -13.99
C ILE A 547 15.90 40.60 -13.62
N CYS A 548 17.12 40.51 -13.09
CA CYS A 548 17.88 41.67 -12.67
C CYS A 548 18.72 42.29 -13.78
N PRO A 549 18.57 43.60 -14.02
CA PRO A 549 19.36 44.25 -15.07
C PRO A 549 20.73 44.70 -14.56
#